data_2A8E
#
_entry.id   2A8E
#
_cell.length_a   102.000
_cell.length_b   165.449
_cell.length_c   40.952
_cell.angle_alpha   90.00
_cell.angle_beta   90.00
_cell.angle_gamma   90.00
#
_symmetry.space_group_name_H-M   'C 2 2 21'
#
loop_
_entity.id
_entity.type
_entity.pdbx_description
1 polymer 'hypothetical protein yktB'
2 non-polymer 'SULFATE ION'
3 non-polymer DI(HYDROXYETHYL)ETHER
4 water water
#
_entity_poly.entity_id   1
_entity_poly.type   'polypeptide(L)'
_entity_poly.pdbx_seq_one_letter_code
;(MSE)TQ(MSE)RFTEEDFNTFTIEGLDAR(MSE)EVLKETVRPKLTALGEHFAPTLSALTGDE(MSE)FPHVAKHARRS
VNPPADSWVAFANSKRGYKKLPHFQIGLWESHVFVWFAIIYESPIKEEYGKLLEVNQETITKNIPDSFVWSADHTKPGVH
KQSE(MSE)DKEQLKTLFERLQTVKKAELLCGIQLQKEEVLN(MSE)NNQEFLQRIDDAFKQLAFLYRLTQKVTQALEHH
HHHH
;
_entity_poly.pdbx_strand_id   A
#
loop_
_chem_comp.id
_chem_comp.type
_chem_comp.name
_chem_comp.formula
PEG non-polymer DI(HYDROXYETHYL)ETHER 'C4 H10 O3'
SO4 non-polymer 'SULFATE ION' 'O4 S -2'
#
# COMPACT_ATOMS: atom_id res chain seq x y z
N THR A 2 0.20 -19.83 10.28
CA THR A 2 1.61 -19.65 9.80
C THR A 2 2.15 -18.27 10.16
N GLN A 3 3.48 -18.13 10.16
CA GLN A 3 4.11 -16.87 10.47
C GLN A 3 4.06 -15.96 9.25
N MSE A 4 3.58 -14.74 9.43
CA MSE A 4 3.49 -13.80 8.33
C MSE A 4 4.38 -12.61 8.52
O MSE A 4 4.66 -11.87 7.58
CB MSE A 4 2.05 -13.37 8.13
CG MSE A 4 1.14 -14.50 7.71
SE MSE A 4 -0.71 -14.00 7.54
CE MSE A 4 -1.31 -14.62 9.27
N ARG A 5 4.84 -12.41 9.75
CA ARG A 5 5.71 -11.28 10.05
C ARG A 5 7.04 -11.52 9.31
N PHE A 6 7.55 -10.47 8.67
CA PHE A 6 8.80 -10.56 7.94
C PHE A 6 10.00 -10.61 8.89
N THR A 7 10.96 -11.50 8.61
CA THR A 7 12.14 -11.59 9.44
C THR A 7 13.33 -10.97 8.69
N GLU A 8 14.52 -11.05 9.27
CA GLU A 8 15.70 -10.45 8.63
C GLU A 8 15.98 -10.96 7.21
N GLU A 9 15.83 -12.26 6.99
CA GLU A 9 16.09 -12.84 5.68
C GLU A 9 15.13 -12.29 4.60
N ASP A 10 13.99 -11.76 5.04
CA ASP A 10 13.01 -11.21 4.10
C ASP A 10 13.42 -9.82 3.64
N PHE A 11 13.84 -8.97 4.56
CA PHE A 11 14.27 -7.64 4.17
C PHE A 11 15.56 -7.75 3.36
N ASN A 12 16.46 -8.64 3.80
CA ASN A 12 17.74 -8.82 3.13
C ASN A 12 17.67 -9.38 1.72
N THR A 13 16.52 -9.93 1.36
CA THR A 13 16.32 -10.50 0.04
C THR A 13 16.51 -9.44 -1.04
N PHE A 14 16.20 -8.21 -0.72
CA PHE A 14 16.31 -7.13 -1.69
C PHE A 14 17.72 -6.57 -1.90
N THR A 15 18.72 -7.23 -1.30
CA THR A 15 20.10 -6.82 -1.45
C THR A 15 20.80 -7.78 -2.42
N ILE A 16 20.17 -8.92 -2.68
CA ILE A 16 20.73 -9.91 -3.59
C ILE A 16 20.84 -9.30 -4.99
N GLU A 17 22.00 -9.42 -5.64
CA GLU A 17 22.20 -8.86 -6.97
C GLU A 17 21.71 -9.77 -8.09
N GLY A 18 21.07 -9.17 -9.09
CA GLY A 18 20.59 -9.94 -10.23
C GLY A 18 19.14 -10.33 -10.09
N LEU A 19 18.40 -10.26 -11.19
CA LEU A 19 16.99 -10.62 -11.18
C LEU A 19 16.78 -12.09 -10.84
N ASP A 20 17.49 -12.97 -11.54
CA ASP A 20 17.37 -14.40 -11.32
C ASP A 20 17.64 -14.84 -9.89
N ALA A 21 18.77 -14.37 -9.36
CA ALA A 21 19.19 -14.71 -8.00
C ALA A 21 18.23 -14.16 -6.95
N ARG A 22 17.87 -12.89 -7.07
CA ARG A 22 16.95 -12.30 -6.11
C ARG A 22 15.59 -12.98 -6.16
N MSE A 23 15.11 -13.26 -7.38
CA MSE A 23 13.81 -13.92 -7.54
C MSE A 23 13.79 -15.32 -6.93
O MSE A 23 12.76 -15.77 -6.43
CB MSE A 23 13.42 -14.02 -9.03
CG MSE A 23 13.00 -12.69 -9.67
SE MSE A 23 11.66 -11.73 -8.63
CE MSE A 23 10.40 -13.18 -8.38
N GLU A 24 14.93 -16.01 -6.96
CA GLU A 24 14.95 -17.35 -6.39
C GLU A 24 14.76 -17.30 -4.89
N VAL A 25 15.33 -16.29 -4.26
CA VAL A 25 15.19 -16.14 -2.83
C VAL A 25 13.82 -15.58 -2.45
N LEU A 26 13.37 -14.58 -3.22
CA LEU A 26 12.08 -13.96 -2.96
C LEU A 26 10.92 -14.96 -3.01
N LYS A 27 10.96 -15.91 -3.93
CA LYS A 27 9.89 -16.91 -4.03
C LYS A 27 9.94 -17.85 -2.85
N GLU A 28 11.01 -17.75 -2.09
CA GLU A 28 11.22 -18.63 -0.96
C GLU A 28 10.98 -17.96 0.39
N THR A 29 11.28 -16.68 0.49
CA THR A 29 11.10 -15.95 1.73
C THR A 29 9.87 -15.05 1.77
N VAL A 30 9.95 -13.96 1.01
CA VAL A 30 8.89 -12.97 0.95
C VAL A 30 7.56 -13.40 0.35
N ARG A 31 7.56 -13.87 -0.89
CA ARG A 31 6.31 -14.24 -1.55
C ARG A 31 5.38 -15.13 -0.73
N PRO A 32 5.89 -16.24 -0.17
CA PRO A 32 5.02 -17.10 0.63
C PRO A 32 4.28 -16.32 1.72
N LYS A 33 4.95 -15.34 2.31
CA LYS A 33 4.33 -14.53 3.35
C LYS A 33 3.34 -13.53 2.76
N LEU A 34 3.61 -13.04 1.55
CA LEU A 34 2.70 -12.11 0.91
C LEU A 34 1.41 -12.84 0.58
N THR A 35 1.54 -14.07 0.06
CA THR A 35 0.36 -14.85 -0.28
C THR A 35 -0.46 -15.17 0.97
N ALA A 36 0.23 -15.45 2.07
CA ALA A 36 -0.46 -15.76 3.33
C ALA A 36 -1.18 -14.50 3.84
N LEU A 37 -0.52 -13.36 3.73
CA LEU A 37 -1.11 -12.09 4.14
C LEU A 37 -2.33 -11.79 3.26
N GLY A 38 -2.27 -12.21 2.01
CA GLY A 38 -3.39 -11.99 1.10
C GLY A 38 -4.62 -12.79 1.48
N GLU A 39 -4.42 -14.04 1.88
CA GLU A 39 -5.54 -14.89 2.26
C GLU A 39 -6.09 -14.46 3.61
N HIS A 40 -5.21 -13.97 4.47
CA HIS A 40 -5.59 -13.54 5.80
C HIS A 40 -6.39 -12.24 5.82
N PHE A 41 -5.88 -11.21 5.16
CA PHE A 41 -6.55 -9.93 5.13
C PHE A 41 -7.64 -9.66 4.10
N ALA A 42 -7.85 -10.55 3.14
CA ALA A 42 -8.91 -10.33 2.15
C ALA A 42 -10.31 -10.30 2.81
N PRO A 43 -10.63 -11.30 3.64
CA PRO A 43 -11.95 -11.30 4.29
C PRO A 43 -12.14 -10.02 5.12
N THR A 44 -11.10 -9.65 5.87
CA THR A 44 -11.12 -8.46 6.71
C THR A 44 -11.49 -7.19 5.93
N LEU A 45 -10.79 -6.93 4.83
CA LEU A 45 -11.06 -5.75 4.02
C LEU A 45 -12.44 -5.78 3.42
N SER A 46 -12.94 -6.97 3.10
CA SER A 46 -14.28 -7.11 2.55
C SER A 46 -15.27 -6.66 3.62
N ALA A 47 -15.05 -7.13 4.84
CA ALA A 47 -15.94 -6.78 5.96
C ALA A 47 -15.84 -5.30 6.27
N LEU A 48 -14.63 -4.77 6.19
CA LEU A 48 -14.36 -3.37 6.50
C LEU A 48 -14.93 -2.37 5.50
N THR A 49 -14.76 -2.66 4.22
CA THR A 49 -15.20 -1.77 3.16
C THR A 49 -16.61 -1.99 2.62
N GLY A 50 -17.13 -3.20 2.75
CA GLY A 50 -18.46 -3.48 2.25
C GLY A 50 -18.43 -3.92 0.79
N ASP A 51 -17.24 -4.16 0.28
CA ASP A 51 -17.06 -4.62 -1.10
C ASP A 51 -16.24 -5.88 -1.03
N GLU A 52 -16.44 -6.77 -2.00
CA GLU A 52 -15.68 -8.01 -2.06
C GLU A 52 -14.23 -7.65 -2.37
N MSE A 53 -13.31 -8.14 -1.55
CA MSE A 53 -11.90 -7.85 -1.76
C MSE A 53 -11.13 -9.10 -2.17
O MSE A 53 -11.35 -10.19 -1.64
CB MSE A 53 -11.31 -7.25 -0.48
CG MSE A 53 -11.84 -5.85 -0.20
SE MSE A 53 -11.36 -4.51 -1.54
CE MSE A 53 -9.58 -4.20 -0.92
N PHE A 54 -10.22 -8.96 -3.14
CA PHE A 54 -9.42 -10.10 -3.59
C PHE A 54 -7.94 -9.79 -3.56
N PRO A 55 -7.11 -10.73 -3.07
CA PRO A 55 -5.66 -10.52 -3.00
C PRO A 55 -4.93 -10.70 -4.32
N HIS A 56 -3.87 -9.92 -4.51
CA HIS A 56 -3.06 -9.99 -5.72
C HIS A 56 -1.58 -9.82 -5.37
N VAL A 57 -0.85 -10.92 -5.35
CA VAL A 57 0.58 -10.89 -5.04
C VAL A 57 1.31 -10.28 -6.22
N ALA A 58 2.14 -9.29 -5.95
CA ALA A 58 2.91 -8.60 -6.99
C ALA A 58 3.77 -9.50 -7.87
N LYS A 59 3.76 -9.22 -9.16
CA LYS A 59 4.55 -9.97 -10.13
C LYS A 59 5.78 -9.13 -10.49
N HIS A 60 6.87 -9.79 -10.82
CA HIS A 60 8.10 -9.08 -11.14
C HIS A 60 8.78 -9.45 -12.46
N ALA A 61 9.32 -10.66 -12.53
CA ALA A 61 10.02 -11.11 -13.73
C ALA A 61 9.16 -11.07 -15.00
N ARG A 62 7.85 -11.29 -14.85
CA ARG A 62 6.93 -11.25 -15.99
C ARG A 62 6.55 -9.84 -16.41
N ARG A 63 6.88 -8.87 -15.58
CA ARG A 63 6.53 -7.48 -15.86
C ARG A 63 7.73 -6.60 -16.16
N SER A 64 8.86 -6.89 -15.52
CA SER A 64 10.07 -6.11 -15.73
C SER A 64 11.34 -6.94 -15.65
N VAL A 65 12.35 -6.50 -16.38
CA VAL A 65 13.61 -7.20 -16.40
C VAL A 65 14.54 -6.71 -15.26
N ASN A 66 14.14 -5.61 -14.62
CA ASN A 66 14.89 -5.02 -13.51
C ASN A 66 14.57 -5.64 -12.15
N PRO A 67 15.60 -5.95 -11.34
CA PRO A 67 15.39 -6.55 -10.01
C PRO A 67 14.46 -5.67 -9.14
N PRO A 68 13.43 -6.27 -8.53
CA PRO A 68 12.50 -5.50 -7.69
C PRO A 68 13.11 -5.09 -6.35
N ALA A 69 12.99 -3.82 -6.02
CA ALA A 69 13.50 -3.29 -4.76
C ALA A 69 12.47 -3.48 -3.66
N ASP A 70 11.27 -3.92 -4.04
CA ASP A 70 10.21 -4.14 -3.07
C ASP A 70 9.17 -5.09 -3.67
N SER A 71 8.36 -5.70 -2.80
CA SER A 71 7.30 -6.58 -3.24
C SER A 71 6.10 -6.36 -2.33
N TRP A 72 4.93 -6.80 -2.77
CA TRP A 72 3.73 -6.59 -1.99
C TRP A 72 2.55 -7.43 -2.46
N VAL A 73 1.50 -7.42 -1.65
CA VAL A 73 0.28 -8.11 -1.97
C VAL A 73 -0.76 -6.98 -1.97
N ALA A 74 -1.57 -6.92 -3.03
CA ALA A 74 -2.59 -5.88 -3.14
C ALA A 74 -4.00 -6.49 -2.97
N PHE A 75 -4.94 -5.63 -2.60
CA PHE A 75 -6.33 -6.03 -2.37
C PHE A 75 -7.27 -5.07 -3.09
N ALA A 76 -8.08 -5.60 -4.00
CA ALA A 76 -9.00 -4.78 -4.78
C ALA A 76 -10.33 -5.46 -5.02
N ASN A 77 -11.32 -4.69 -5.45
CA ASN A 77 -12.65 -5.22 -5.72
C ASN A 77 -12.72 -5.87 -7.09
N SER A 78 -11.72 -6.69 -7.40
CA SER A 78 -11.66 -7.37 -8.68
C SER A 78 -10.90 -8.68 -8.53
N LYS A 79 -11.32 -9.71 -9.27
CA LYS A 79 -10.66 -11.01 -9.23
C LYS A 79 -9.50 -11.10 -10.23
N ARG A 80 -9.45 -10.21 -11.21
CA ARG A 80 -8.39 -10.24 -12.22
C ARG A 80 -7.25 -9.26 -12.02
N GLY A 81 -7.50 -8.14 -11.35
CA GLY A 81 -6.43 -7.16 -11.16
C GLY A 81 -6.71 -6.12 -10.10
N TYR A 82 -5.76 -5.21 -9.91
CA TYR A 82 -5.90 -4.17 -8.91
C TYR A 82 -5.41 -2.79 -9.32
N LYS A 83 -4.45 -2.73 -10.24
CA LYS A 83 -3.87 -1.45 -10.66
C LYS A 83 -4.82 -0.34 -11.11
N LYS A 84 -5.93 -0.72 -11.73
CA LYS A 84 -6.88 0.28 -12.24
C LYS A 84 -7.93 0.74 -11.23
N LEU A 85 -7.89 0.19 -10.02
CA LEU A 85 -8.86 0.55 -9.00
C LEU A 85 -8.22 1.03 -7.70
N PRO A 86 -9.01 1.67 -6.82
CA PRO A 86 -8.43 2.12 -5.55
C PRO A 86 -8.21 0.80 -4.79
N HIS A 87 -7.02 0.59 -4.23
CA HIS A 87 -6.75 -0.65 -3.51
C HIS A 87 -5.92 -0.49 -2.25
N PHE A 88 -5.62 -1.61 -1.61
CA PHE A 88 -4.80 -1.61 -0.41
C PHE A 88 -3.56 -2.43 -0.69
N GLN A 89 -2.50 -2.17 0.06
CA GLN A 89 -1.25 -2.90 -0.14
C GLN A 89 -0.52 -3.17 1.15
N ILE A 90 0.19 -4.28 1.16
CA ILE A 90 1.01 -4.64 2.29
C ILE A 90 2.31 -5.10 1.63
N GLY A 91 3.42 -4.44 1.94
CA GLY A 91 4.68 -4.83 1.33
C GLY A 91 5.88 -4.41 2.12
N LEU A 92 7.06 -4.56 1.53
CA LEU A 92 8.31 -4.19 2.17
C LEU A 92 9.42 -3.89 1.16
N TRP A 93 10.36 -3.08 1.60
CA TRP A 93 11.55 -2.74 0.83
C TRP A 93 12.58 -3.32 1.78
N GLU A 94 13.87 -3.16 1.51
CA GLU A 94 14.84 -3.72 2.44
C GLU A 94 14.86 -2.94 3.76
N SER A 95 14.37 -1.71 3.74
CA SER A 95 14.36 -0.84 4.91
C SER A 95 13.11 -0.85 5.79
N HIS A 96 11.93 -1.01 5.18
CA HIS A 96 10.69 -0.97 5.94
C HIS A 96 9.53 -1.73 5.32
N VAL A 97 8.46 -1.83 6.10
CA VAL A 97 7.24 -2.48 5.68
C VAL A 97 6.22 -1.37 5.49
N PHE A 98 5.39 -1.47 4.46
CA PHE A 98 4.39 -0.44 4.23
C PHE A 98 2.97 -1.01 4.10
N VAL A 99 1.99 -0.19 4.50
CA VAL A 99 0.58 -0.55 4.41
C VAL A 99 -0.06 0.67 3.78
N TRP A 100 -0.63 0.48 2.60
CA TRP A 100 -1.24 1.57 1.84
C TRP A 100 -2.68 1.39 1.44
N PHE A 101 -3.27 2.53 1.10
CA PHE A 101 -4.58 2.62 0.49
C PHE A 101 -4.01 3.33 -0.74
N ALA A 102 -4.20 2.79 -1.93
CA ALA A 102 -3.58 3.43 -3.08
C ALA A 102 -4.44 3.65 -4.31
N ILE A 103 -4.03 4.67 -5.06
CA ILE A 103 -4.63 5.07 -6.31
C ILE A 103 -3.39 5.36 -7.15
N ILE A 104 -3.03 4.44 -8.05
CA ILE A 104 -1.85 4.67 -8.85
C ILE A 104 -2.16 5.18 -10.25
N TYR A 105 -1.13 5.68 -10.93
CA TYR A 105 -1.21 6.23 -12.27
C TYR A 105 -2.13 5.49 -13.23
N GLU A 106 -2.13 4.16 -13.16
CA GLU A 106 -2.96 3.35 -14.05
C GLU A 106 -4.47 3.53 -13.87
N SER A 107 -4.90 4.08 -12.73
CA SER A 107 -6.33 4.29 -12.49
C SER A 107 -6.87 5.30 -13.50
N PRO A 108 -7.79 4.88 -14.37
CA PRO A 108 -8.37 5.74 -15.39
C PRO A 108 -9.27 6.87 -14.86
N ILE A 109 -9.67 6.77 -13.60
CA ILE A 109 -10.54 7.78 -13.04
C ILE A 109 -9.95 8.45 -11.79
N LYS A 110 -8.64 8.65 -11.82
CA LYS A 110 -7.93 9.28 -10.71
C LYS A 110 -8.22 10.77 -10.60
N GLU A 111 -8.74 11.35 -11.68
CA GLU A 111 -9.09 12.77 -11.70
C GLU A 111 -10.32 13.05 -10.83
N GLU A 112 -11.28 12.15 -10.84
CA GLU A 112 -12.48 12.33 -10.02
C GLU A 112 -12.14 12.13 -8.54
N TYR A 113 -11.40 11.08 -8.24
CA TYR A 113 -11.01 10.82 -6.85
C TYR A 113 -10.33 12.06 -6.29
N GLY A 114 -9.45 12.65 -7.10
CA GLY A 114 -8.73 13.84 -6.69
C GLY A 114 -9.63 15.00 -6.31
N LYS A 115 -10.62 15.28 -7.14
CA LYS A 115 -11.56 16.38 -6.86
C LYS A 115 -12.38 16.07 -5.61
N LEU A 116 -12.65 14.80 -5.37
CA LEU A 116 -13.45 14.41 -4.22
C LEU A 116 -12.65 14.49 -2.91
N LEU A 117 -11.35 14.25 -2.99
CA LEU A 117 -10.51 14.29 -1.80
C LEU A 117 -10.30 15.73 -1.38
N GLU A 118 -10.24 16.63 -2.37
CA GLU A 118 -10.03 18.05 -2.11
C GLU A 118 -11.26 18.67 -1.44
N VAL A 119 -12.42 18.08 -1.69
CA VAL A 119 -13.66 18.56 -1.11
C VAL A 119 -13.84 18.04 0.32
N ASN A 120 -13.15 16.96 0.67
CA ASN A 120 -13.23 16.38 2.00
C ASN A 120 -11.90 16.50 2.70
N GLN A 121 -11.10 17.50 2.35
CA GLN A 121 -9.79 17.66 2.97
C GLN A 121 -9.82 17.78 4.48
N GLU A 122 -10.80 18.50 5.03
CA GLU A 122 -10.87 18.67 6.48
C GLU A 122 -11.15 17.34 7.17
N THR A 123 -12.03 16.54 6.59
CA THR A 123 -12.39 15.24 7.18
C THR A 123 -11.26 14.25 7.08
N ILE A 124 -10.51 14.30 5.98
CA ILE A 124 -9.39 13.41 5.75
C ILE A 124 -8.27 13.73 6.73
N THR A 125 -7.97 15.01 6.88
CA THR A 125 -6.94 15.46 7.81
C THR A 125 -7.31 15.07 9.23
N LYS A 126 -8.59 15.21 9.54
CA LYS A 126 -9.13 14.90 10.86
C LYS A 126 -9.06 13.42 11.22
N ASN A 127 -9.30 12.54 10.24
CA ASN A 127 -9.30 11.11 10.50
C ASN A 127 -8.02 10.33 10.26
N ILE A 128 -7.05 10.94 9.58
CA ILE A 128 -5.78 10.29 9.33
C ILE A 128 -4.78 10.77 10.39
N PRO A 129 -4.32 9.87 11.27
CA PRO A 129 -3.36 10.22 12.33
C PRO A 129 -2.09 10.89 11.79
N ASP A 130 -1.51 11.77 12.60
CA ASP A 130 -0.29 12.46 12.18
C ASP A 130 0.86 11.47 11.97
N SER A 131 0.74 10.30 12.57
CA SER A 131 1.76 9.27 12.46
C SER A 131 1.76 8.58 11.10
N PHE A 132 0.75 8.87 10.27
CA PHE A 132 0.64 8.27 8.94
C PHE A 132 1.53 8.96 7.93
N VAL A 133 1.61 8.39 6.73
CA VAL A 133 2.44 8.97 5.68
C VAL A 133 1.73 8.96 4.34
N TRP A 134 2.19 9.83 3.44
CA TRP A 134 1.62 9.91 2.10
C TRP A 134 2.70 9.69 1.05
N SER A 135 2.27 9.37 -0.18
CA SER A 135 3.20 9.16 -1.27
C SER A 135 2.52 9.51 -2.59
N ALA A 136 3.28 10.05 -3.53
CA ALA A 136 2.73 10.40 -4.84
C ALA A 136 3.23 9.42 -5.90
N ASP A 137 4.04 8.45 -5.49
CA ASP A 137 4.58 7.44 -6.40
C ASP A 137 5.02 6.18 -5.68
N HIS A 138 4.29 5.09 -5.90
CA HIS A 138 4.58 3.82 -5.25
C HIS A 138 5.90 3.15 -5.66
N THR A 139 6.53 3.63 -6.74
CA THR A 139 7.79 3.01 -7.19
C THR A 139 9.02 3.62 -6.51
N LYS A 140 8.82 4.70 -5.74
CA LYS A 140 9.93 5.33 -5.02
C LYS A 140 9.68 5.05 -3.54
N PRO A 141 10.75 4.75 -2.78
CA PRO A 141 10.54 4.47 -1.35
C PRO A 141 10.14 5.69 -0.50
N GLY A 142 10.48 6.89 -0.97
CA GLY A 142 10.17 8.08 -0.22
C GLY A 142 8.71 8.33 0.11
N VAL A 143 8.47 8.92 1.29
CA VAL A 143 7.14 9.26 1.74
C VAL A 143 7.12 10.62 2.43
N HIS A 144 5.93 11.19 2.58
CA HIS A 144 5.76 12.50 3.21
C HIS A 144 4.99 12.30 4.52
N LYS A 145 5.62 12.61 5.66
CA LYS A 145 4.96 12.46 6.96
C LYS A 145 3.78 13.41 7.12
N GLN A 146 2.66 12.88 7.59
CA GLN A 146 1.46 13.68 7.80
C GLN A 146 1.69 14.77 8.84
N SER A 147 2.45 14.46 9.88
CA SER A 147 2.73 15.40 10.95
C SER A 147 3.41 16.66 10.41
N GLU A 148 4.25 16.51 9.40
CA GLU A 148 4.93 17.65 8.82
C GLU A 148 4.34 17.99 7.45
N MSE A 149 3.04 17.77 7.32
CA MSE A 149 2.32 18.03 6.08
C MSE A 149 1.52 19.32 6.22
O MSE A 149 0.64 19.44 7.06
CB MSE A 149 1.37 16.86 5.79
CG MSE A 149 0.57 16.95 4.49
SE MSE A 149 1.52 16.35 2.89
CE MSE A 149 1.81 14.51 3.38
N ASP A 150 1.86 20.29 5.37
CA ASP A 150 1.20 21.59 5.35
C ASP A 150 -0.23 21.39 4.84
N LYS A 151 -1.10 22.36 5.08
CA LYS A 151 -2.48 22.25 4.59
C LYS A 151 -2.45 22.38 3.07
N GLU A 152 -1.62 23.28 2.57
CA GLU A 152 -1.49 23.50 1.13
C GLU A 152 -0.78 22.32 0.47
N GLN A 153 0.10 21.66 1.21
CA GLN A 153 0.83 20.50 0.68
C GLN A 153 -0.09 19.31 0.42
N LEU A 154 -1.02 19.07 1.32
CA LEU A 154 -1.95 17.95 1.17
C LEU A 154 -2.95 18.29 0.07
N LYS A 155 -3.20 19.57 -0.13
CA LYS A 155 -4.15 19.99 -1.16
C LYS A 155 -3.53 19.91 -2.55
N THR A 156 -2.26 20.30 -2.65
CA THR A 156 -1.58 20.25 -3.93
C THR A 156 -1.39 18.79 -4.34
N LEU A 157 -1.27 17.92 -3.35
CA LEU A 157 -1.11 16.48 -3.58
C LEU A 157 -2.38 15.95 -4.24
N PHE A 158 -3.53 16.45 -3.82
CA PHE A 158 -4.80 16.02 -4.40
C PHE A 158 -4.97 16.65 -5.77
N GLU A 159 -4.48 17.88 -5.91
CA GLU A 159 -4.57 18.61 -7.17
C GLU A 159 -3.72 17.95 -8.25
N ARG A 160 -2.51 17.56 -7.90
CA ARG A 160 -1.62 16.91 -8.86
C ARG A 160 -2.17 15.55 -9.26
N LEU A 161 -2.98 14.97 -8.40
CA LEU A 161 -3.57 13.67 -8.69
C LEU A 161 -4.50 13.82 -9.89
N GLN A 162 -5.13 14.99 -9.99
CA GLN A 162 -6.05 15.25 -11.08
C GLN A 162 -5.40 16.05 -12.21
N THR A 163 -4.19 16.54 -11.97
CA THR A 163 -3.47 17.34 -12.96
C THR A 163 -2.33 16.58 -13.67
N VAL A 164 -1.40 16.05 -12.90
CA VAL A 164 -0.28 15.31 -13.47
C VAL A 164 -0.68 13.85 -13.69
N LYS A 165 -0.61 13.40 -14.94
CA LYS A 165 -0.99 12.04 -15.30
C LYS A 165 -0.25 10.93 -14.55
N LYS A 166 1.03 11.16 -14.24
CA LYS A 166 1.81 10.14 -13.53
C LYS A 166 1.90 10.38 -12.03
N ALA A 167 1.03 11.25 -11.52
CA ALA A 167 0.99 11.55 -10.10
C ALA A 167 0.04 10.55 -9.45
N GLU A 168 0.38 10.08 -8.25
CA GLU A 168 -0.44 9.10 -7.56
C GLU A 168 -0.81 9.59 -6.17
N LEU A 169 -1.57 8.77 -5.45
CA LEU A 169 -2.02 9.12 -4.11
C LEU A 169 -2.00 7.87 -3.23
N LEU A 170 -1.08 7.85 -2.26
CA LEU A 170 -1.01 6.72 -1.36
C LEU A 170 -0.98 7.22 0.10
N CYS A 171 -1.78 6.58 0.95
CA CYS A 171 -1.84 6.96 2.35
C CYS A 171 -1.75 5.69 3.18
N GLY A 172 -0.91 5.71 4.21
CA GLY A 172 -0.76 4.54 5.05
C GLY A 172 0.26 4.70 6.16
N ILE A 173 0.93 3.62 6.49
CA ILE A 173 1.94 3.65 7.55
C ILE A 173 3.20 2.89 7.19
N GLN A 174 4.28 3.19 7.90
CA GLN A 174 5.56 2.51 7.69
C GLN A 174 6.01 1.86 8.98
N LEU A 175 6.44 0.61 8.90
CA LEU A 175 6.95 -0.09 10.06
C LEU A 175 8.42 -0.29 9.75
N GLN A 176 9.30 0.43 10.46
CA GLN A 176 10.74 0.30 10.23
C GLN A 176 11.21 -1.13 10.46
N LYS A 177 12.24 -1.52 9.72
CA LYS A 177 12.81 -2.86 9.81
C LYS A 177 13.12 -3.25 11.26
N GLU A 178 13.68 -2.34 12.03
CA GLU A 178 14.02 -2.61 13.42
C GLU A 178 12.77 -2.96 14.26
N GLU A 179 11.66 -2.25 14.00
CA GLU A 179 10.41 -2.52 14.72
C GLU A 179 9.87 -3.89 14.38
N VAL A 180 9.74 -4.17 13.09
CA VAL A 180 9.21 -5.44 12.61
C VAL A 180 10.04 -6.62 13.09
N LEU A 181 11.34 -6.43 13.20
CA LEU A 181 12.20 -7.52 13.65
C LEU A 181 12.12 -7.77 15.16
N ASN A 182 11.61 -6.79 15.91
CA ASN A 182 11.50 -6.93 17.35
C ASN A 182 10.08 -7.14 17.90
N MSE A 183 9.09 -7.24 17.02
CA MSE A 183 7.73 -7.48 17.48
C MSE A 183 7.38 -8.93 17.15
O MSE A 183 8.13 -9.59 16.43
CB MSE A 183 6.74 -6.52 16.81
CG MSE A 183 6.72 -6.55 15.29
SE MSE A 183 5.50 -5.24 14.52
CE MSE A 183 6.53 -3.62 14.82
N ASN A 184 6.28 -9.43 17.71
CA ASN A 184 5.87 -10.81 17.41
C ASN A 184 4.81 -10.81 16.32
N ASN A 185 4.45 -12.00 15.86
CA ASN A 185 3.47 -12.12 14.79
C ASN A 185 2.16 -11.38 15.03
N GLN A 186 1.49 -11.66 16.15
CA GLN A 186 0.22 -11.03 16.45
C GLN A 186 0.29 -9.51 16.54
N GLU A 187 1.38 -8.99 17.08
CA GLU A 187 1.51 -7.54 17.19
C GLU A 187 1.66 -6.99 15.77
N PHE A 188 2.32 -7.76 14.92
CA PHE A 188 2.51 -7.37 13.54
C PHE A 188 1.16 -7.31 12.81
N LEU A 189 0.34 -8.33 12.99
CA LEU A 189 -0.96 -8.37 12.33
C LEU A 189 -1.88 -7.27 12.88
N GLN A 190 -1.74 -6.94 14.15
CA GLN A 190 -2.57 -5.90 14.74
C GLN A 190 -2.21 -4.52 14.21
N ARG A 191 -0.93 -4.26 13.93
CA ARG A 191 -0.53 -2.95 13.42
C ARG A 191 -1.17 -2.77 12.05
N ILE A 192 -1.11 -3.82 11.24
CA ILE A 192 -1.67 -3.76 9.91
C ILE A 192 -3.20 -3.61 9.99
N ASP A 193 -3.80 -4.45 10.84
CA ASP A 193 -5.25 -4.43 11.03
C ASP A 193 -5.75 -3.05 11.47
N ASP A 194 -5.03 -2.40 12.40
CA ASP A 194 -5.43 -1.07 12.86
C ASP A 194 -5.32 -0.04 11.75
N ALA A 195 -4.27 -0.14 10.93
CA ALA A 195 -4.10 0.80 9.83
C ALA A 195 -5.25 0.69 8.83
N PHE A 196 -5.73 -0.53 8.57
CA PHE A 196 -6.83 -0.71 7.64
C PHE A 196 -8.08 0.00 8.15
N LYS A 197 -8.30 -0.06 9.46
CA LYS A 197 -9.45 0.59 10.07
C LYS A 197 -9.42 2.10 9.85
N GLN A 198 -8.24 2.69 9.91
CA GLN A 198 -8.08 4.12 9.71
C GLN A 198 -8.22 4.51 8.24
N LEU A 199 -7.73 3.64 7.37
CA LEU A 199 -7.73 3.84 5.93
C LEU A 199 -9.05 3.52 5.25
N ALA A 200 -9.89 2.71 5.89
CA ALA A 200 -11.17 2.32 5.31
C ALA A 200 -12.06 3.44 4.79
N PHE A 201 -12.12 4.57 5.47
CA PHE A 201 -13.00 5.64 5.00
C PHE A 201 -12.52 6.26 3.67
N LEU A 202 -11.23 6.15 3.39
CA LEU A 202 -10.72 6.70 2.13
C LEU A 202 -11.25 5.84 0.98
N TYR A 203 -11.38 4.53 1.21
CA TYR A 203 -11.90 3.66 0.19
C TYR A 203 -13.38 3.97 -0.04
N ARG A 204 -14.11 4.22 1.04
CA ARG A 204 -15.54 4.54 0.93
C ARG A 204 -15.81 5.83 0.18
N LEU A 205 -14.92 6.81 0.31
CA LEU A 205 -15.11 8.08 -0.41
C LEU A 205 -15.09 7.83 -1.91
N THR A 206 -14.12 7.05 -2.36
CA THR A 206 -13.99 6.74 -3.78
C THR A 206 -15.11 5.80 -4.20
N GLN A 207 -15.57 5.01 -3.25
CA GLN A 207 -16.63 4.03 -3.51
C GLN A 207 -17.83 4.71 -4.17
N LYS A 208 -18.13 5.92 -3.72
CA LYS A 208 -19.27 6.67 -4.23
C LYS A 208 -19.08 7.14 -5.68
N VAL A 209 -17.92 7.72 -5.98
CA VAL A 209 -17.66 8.21 -7.33
C VAL A 209 -17.52 7.09 -8.35
N THR A 210 -17.07 5.92 -7.91
CA THR A 210 -16.94 4.78 -8.81
C THR A 210 -18.33 4.17 -8.92
N GLN A 211 -19.34 5.04 -8.89
CA GLN A 211 -20.75 4.65 -8.96
C GLN A 211 -21.17 3.85 -7.74
S SO4 B . 6.83 -14.74 15.48
O1 SO4 B . 8.20 -14.73 15.99
O2 SO4 B . 6.48 -16.10 15.02
O3 SO4 B . 5.89 -14.33 16.56
O4 SO4 B . 6.72 -13.79 14.36
S SO4 C . 7.31 -13.45 -11.21
O1 SO4 C . 8.42 -12.61 -10.74
O2 SO4 C . 7.66 -14.86 -11.12
O3 SO4 C . 6.14 -13.18 -10.37
O4 SO4 C . 7.00 -13.11 -12.61
C1 PEG D . 1.51 -7.43 -11.08
O1 PEG D . 1.46 -6.64 -9.87
C2 PEG D . 0.10 -7.68 -11.57
O2 PEG D . -0.08 -7.08 -12.86
C3 PEG D . -1.41 -7.36 -13.27
C4 PEG D . -1.67 -6.74 -14.64
O4 PEG D . -2.95 -7.16 -15.13
#